data_7FNQ
#
_entry.id   7FNQ
#
_cell.length_a   88.612
_cell.length_b   82.146
_cell.length_c   93.957
_cell.angle_alpha   90
_cell.angle_beta   108.64
_cell.angle_gamma   90
#
_symmetry.space_group_name_H-M   'C 1 2 1'
#
loop_
_entity.id
_entity.type
_entity.pdbx_description
1 polymer 'Pre-mRNA-splicing factor 8'
2 polymer 'A1 cistron-splicing factor AAR2'
3 non-polymer '(3S)-3-methyl-5-oxo-5-[(1,3-thiazol-2-yl)amino]pentanoic acid'
4 water water
#
loop_
_entity_poly.entity_id
_entity_poly.type
_entity_poly.pdbx_seq_one_letter_code
_entity_poly.pdbx_strand_id
1 'polypeptide(L)'
;GAMNSSNYAELFNNDIKLFVDDTNVYRVTVHKTFEGNVATKAINGCIFTLNPKTGHLFLKIIHTSVWAGQKRLSQLAKWK
TAEEVSALVRSLPKEEQPKQIIVTRKAMLDPLEVHMLDFPNIAIRPTELRLPFSAAMSIDKLSDVVMKATEPQMVLFNIY
DDWLDRISSYTAFSRLTLLLRALKTNEESAKMILLSDPTITIKSYHLWPSFTDEQWITIESQMRDLILTEYGRKYNVNIS
ALTQTEIKDIILGQNIKA
;
A
2 'polypeptide(L)'
;GAMAMNTVPFTSAPIEVTIGIDQYSFNVKENQPFHGIKDIPIGHVHVIHFQHADNSSMRYGYWFDCRMGNFYIQYDPKDG
LYKMMEERDGAKFENIVHNFKERQMMVSYPKIDEDDTWYNLTEFVQMDKIRKIVRKDENQFSYVDSSMTTVQENELSSSS
SDPAHSLNYTVINFKSREAIRPGHEMEDFLDKSYYLNTVMLQGIFKNSSNYFGELQFAFLNAMFFGNYGSSLQWHAMIEL
ICSSATVPKHMLDKLDEILYYQIKTLPEQYSDILLNERVWNICLYSSFQKNSLHNTEKIMENKYPELL
;
B
#
loop_
_chem_comp.id
_chem_comp.type
_chem_comp.name
_chem_comp.formula
VPE non-polymer '(3S)-3-methyl-5-oxo-5-[(1,3-thiazol-2-yl)amino]pentanoic acid' 'C9 H12 N2 O3 S'
#
# COMPACT_ATOMS: atom_id res chain seq x y z
N GLY A 1 -14.40 -8.15 -1.67
CA GLY A 1 -13.20 -8.54 -2.39
C GLY A 1 -13.43 -8.72 -3.88
N ALA A 2 -12.86 -9.78 -4.46
CA ALA A 2 -12.97 -10.00 -5.90
C ALA A 2 -14.30 -10.66 -6.25
N MET A 3 -14.74 -10.41 -7.47
CA MET A 3 -16.02 -10.87 -7.98
C MET A 3 -15.77 -12.01 -8.96
N ASN A 4 -16.43 -13.16 -8.73
CA ASN A 4 -16.17 -14.35 -9.53
C ASN A 4 -17.48 -15.12 -9.73
N SER A 5 -17.37 -16.38 -10.21
CA SER A 5 -18.54 -17.21 -10.49
C SER A 5 -19.29 -17.61 -9.23
N SER A 6 -18.63 -17.63 -8.08
CA SER A 6 -19.30 -18.03 -6.85
C SER A 6 -20.33 -16.98 -6.43
N ASN A 7 -20.03 -15.69 -6.62
CA ASN A 7 -20.94 -14.61 -6.26
C ASN A 7 -21.49 -13.89 -7.49
N TYR A 8 -21.84 -14.66 -8.53
CA TYR A 8 -22.28 -14.07 -9.79
C TYR A 8 -23.68 -13.45 -9.67
N ALA A 9 -24.56 -14.07 -8.89
CA ALA A 9 -25.88 -13.51 -8.70
C ALA A 9 -25.86 -12.17 -7.98
N GLU A 10 -24.75 -11.81 -7.33
CA GLU A 10 -24.71 -10.51 -6.66
C GLU A 10 -24.82 -9.36 -7.65
N LEU A 11 -24.50 -9.61 -8.91
CA LEU A 11 -24.58 -8.56 -9.92
C LEU A 11 -25.99 -8.09 -10.14
N PHE A 12 -26.98 -8.90 -9.82
CA PHE A 12 -28.36 -8.62 -10.16
C PHE A 12 -29.22 -8.39 -8.92
N ASN A 13 -28.59 -8.19 -7.76
CA ASN A 13 -29.33 -7.79 -6.58
C ASN A 13 -29.62 -6.29 -6.63
N ASN A 14 -30.16 -5.73 -5.54
CA ASN A 14 -30.67 -4.36 -5.57
C ASN A 14 -29.68 -3.34 -5.00
N ASP A 15 -28.42 -3.73 -4.82
CA ASP A 15 -27.36 -2.80 -4.50
C ASP A 15 -26.81 -2.24 -5.82
N ILE A 16 -26.84 -0.92 -5.98
CA ILE A 16 -26.38 -0.33 -7.23
C ILE A 16 -24.91 -0.63 -7.42
N LYS A 17 -24.55 -1.10 -8.61
CA LYS A 17 -23.14 -1.34 -8.89
C LYS A 17 -22.85 -1.01 -10.35
N LEU A 18 -21.58 -0.67 -10.60
CA LEU A 18 -21.12 -0.42 -11.95
C LEU A 18 -19.85 -1.21 -12.27
N PHE A 19 -19.82 -1.77 -13.48
CA PHE A 19 -18.60 -2.27 -14.08
C PHE A 19 -17.91 -1.08 -14.74
N VAL A 20 -16.59 -1.03 -14.63
CA VAL A 20 -15.78 -0.07 -15.39
C VAL A 20 -14.74 -0.82 -16.21
N ASP A 21 -14.76 -0.61 -17.53
CA ASP A 21 -13.77 -1.21 -18.40
C ASP A 21 -13.02 -0.09 -19.10
N ASP A 22 -11.71 -0.13 -18.96
CA ASP A 22 -10.83 0.90 -19.53
C ASP A 22 -10.07 0.47 -20.77
N THR A 23 -10.39 -0.69 -21.33
N THR A 23 -10.40 -0.68 -21.40
CA THR A 23 -9.61 -1.20 -22.44
CA THR A 23 -9.59 -1.21 -22.50
C THR A 23 -9.56 -0.20 -23.59
C THR A 23 -9.70 -0.42 -23.80
N ASN A 24 -10.71 0.42 -23.93
CA ASN A 24 -10.81 1.26 -25.12
C ASN A 24 -10.60 2.75 -24.84
N VAL A 25 -9.97 3.09 -23.71
CA VAL A 25 -9.72 4.50 -23.41
C VAL A 25 -8.61 5.08 -24.28
N TYR A 26 -7.46 4.41 -24.29
CA TYR A 26 -6.30 4.83 -25.07
C TYR A 26 -6.16 3.85 -26.23
N ARG A 27 -6.46 4.33 -27.43
CA ARG A 27 -6.48 3.52 -28.65
C ARG A 27 -5.52 4.15 -29.64
N VAL A 28 -4.67 3.32 -30.26
CA VAL A 28 -3.68 3.84 -31.21
C VAL A 28 -3.60 2.94 -32.44
N THR A 29 -3.18 3.56 -33.54
CA THR A 29 -2.69 2.84 -34.70
C THR A 29 -1.17 2.98 -34.71
N VAL A 30 -0.48 1.97 -35.23
CA VAL A 30 0.97 1.96 -35.23
C VAL A 30 1.42 1.93 -36.69
N HIS A 31 2.37 2.81 -37.04
CA HIS A 31 2.75 2.97 -38.43
C HIS A 31 4.21 3.35 -38.54
N LYS A 32 4.81 3.04 -39.70
CA LYS A 32 6.16 3.48 -40.00
C LYS A 32 6.20 4.96 -40.34
N THR A 33 7.29 5.61 -39.98
CA THR A 33 7.53 7.02 -40.34
C THR A 33 8.38 7.09 -41.60
N PHE A 34 8.49 8.30 -42.14
CA PHE A 34 9.26 8.47 -43.37
C PHE A 34 10.69 8.00 -43.19
N GLU A 35 11.27 8.27 -42.03
CA GLU A 35 12.63 7.84 -41.72
C GLU A 35 12.73 6.36 -41.35
N GLY A 36 11.61 5.62 -41.41
CA GLY A 36 11.64 4.20 -41.09
C GLY A 36 11.57 3.86 -39.62
N ASN A 37 11.22 4.82 -38.78
CA ASN A 37 10.92 4.56 -37.38
C ASN A 37 9.46 4.17 -37.30
N VAL A 38 8.97 3.94 -36.07
CA VAL A 38 7.56 3.62 -35.85
C VAL A 38 6.98 4.72 -34.98
N ALA A 39 5.74 5.07 -35.26
CA ALA A 39 5.01 6.09 -34.53
C ALA A 39 3.60 5.61 -34.26
N THR A 40 3.03 6.05 -33.15
CA THR A 40 1.62 5.83 -32.87
C THR A 40 0.80 7.06 -33.24
N LYS A 41 -0.45 6.81 -33.62
CA LYS A 41 -1.44 7.86 -33.77
C LYS A 41 -2.67 7.47 -32.96
N ALA A 42 -3.01 8.28 -31.98
CA ALA A 42 -4.18 7.98 -31.16
C ALA A 42 -5.46 8.24 -31.96
N ILE A 43 -6.49 7.48 -31.61
CA ILE A 43 -7.84 7.68 -32.12
C ILE A 43 -8.76 7.77 -30.91
N ASN A 44 -9.96 8.30 -31.14
CA ASN A 44 -10.87 8.51 -30.03
C ASN A 44 -11.16 7.20 -29.32
N GLY A 45 -11.29 7.28 -28.00
CA GLY A 45 -11.59 6.11 -27.18
C GLY A 45 -12.82 6.35 -26.33
N CYS A 46 -13.01 5.47 -25.35
CA CYS A 46 -14.19 5.57 -24.50
C CYS A 46 -13.96 4.79 -23.22
N ILE A 47 -14.59 5.26 -22.16
CA ILE A 47 -14.78 4.47 -20.93
C ILE A 47 -16.12 3.79 -21.02
N PHE A 48 -16.15 2.50 -20.63
CA PHE A 48 -17.36 1.69 -20.69
C PHE A 48 -17.75 1.48 -19.22
N THR A 49 -18.78 2.17 -18.76
CA THR A 49 -19.25 2.13 -17.38
C THR A 49 -20.68 1.63 -17.43
N LEU A 50 -20.93 0.44 -16.87
CA LEU A 50 -22.19 -0.25 -17.10
C LEU A 50 -22.80 -0.68 -15.78
N ASN A 51 -24.11 -0.41 -15.61
CA ASN A 51 -24.92 -1.00 -14.54
C ASN A 51 -25.46 -2.33 -15.06
N PRO A 52 -25.04 -3.48 -14.50
CA PRO A 52 -25.46 -4.77 -15.06
C PRO A 52 -26.88 -5.13 -14.70
N LYS A 53 -27.45 -4.49 -13.70
CA LYS A 53 -28.86 -4.75 -13.39
C LYS A 53 -29.80 -4.03 -14.34
N THR A 54 -29.54 -2.76 -14.67
CA THR A 54 -30.49 -1.97 -15.43
C THR A 54 -30.13 -1.86 -16.91
N GLY A 55 -28.87 -2.13 -17.26
CA GLY A 55 -28.41 -1.93 -18.62
C GLY A 55 -27.93 -0.53 -18.92
N HIS A 56 -28.02 0.39 -17.97
CA HIS A 56 -27.59 1.76 -18.21
C HIS A 56 -26.08 1.80 -18.43
N LEU A 57 -25.64 2.40 -19.55
CA LEU A 57 -24.23 2.49 -19.94
C LEU A 57 -23.88 3.98 -19.99
N PHE A 58 -22.94 4.44 -19.18
CA PHE A 58 -22.39 5.80 -19.21
C PHE A 58 -21.12 5.71 -20.06
N LEU A 59 -21.22 5.96 -21.37
CA LEU A 59 -20.05 5.83 -22.25
C LEU A 59 -19.41 7.21 -22.35
N LYS A 60 -18.29 7.44 -21.65
CA LYS A 60 -17.59 8.74 -21.68
C LYS A 60 -16.66 8.67 -22.88
N ILE A 61 -16.85 9.50 -23.88
CA ILE A 61 -15.97 9.49 -25.06
C ILE A 61 -14.68 10.23 -24.67
N ILE A 62 -13.53 9.65 -25.00
CA ILE A 62 -12.20 10.18 -24.70
C ILE A 62 -11.65 10.70 -26.03
N HIS A 63 -11.59 12.00 -26.16
CA HIS A 63 -11.19 12.58 -27.42
C HIS A 63 -9.68 12.67 -27.46
N THR A 64 -9.09 12.47 -28.66
CA THR A 64 -7.63 12.43 -28.75
C THR A 64 -6.94 13.67 -28.19
N SER A 65 -7.62 14.82 -28.12
CA SER A 65 -6.99 16.02 -27.56
C SER A 65 -6.55 15.85 -26.12
N VAL A 66 -7.14 14.93 -25.36
N VAL A 66 -7.16 14.90 -25.40
CA VAL A 66 -6.71 14.81 -23.98
CA VAL A 66 -6.80 14.60 -24.02
C VAL A 66 -5.29 14.25 -23.87
C VAL A 66 -5.32 14.26 -23.91
N TRP A 67 -4.79 13.57 -24.91
CA TRP A 67 -3.44 13.06 -24.89
C TRP A 67 -2.39 14.08 -25.34
N ALA A 68 -2.81 15.22 -25.87
CA ALA A 68 -1.84 16.12 -26.51
C ALA A 68 -0.79 16.58 -25.52
N GLY A 69 0.47 16.36 -25.88
CA GLY A 69 1.58 16.82 -25.07
C GLY A 69 1.78 16.08 -23.76
N GLN A 70 1.06 14.99 -23.57
CA GLN A 70 1.20 14.17 -22.38
C GLN A 70 2.16 13.01 -22.62
N LYS A 71 2.80 12.57 -21.55
CA LYS A 71 3.73 11.45 -21.56
C LYS A 71 3.12 10.25 -20.87
N ARG A 72 3.73 9.10 -21.10
CA ARG A 72 3.34 7.83 -20.46
C ARG A 72 1.84 7.59 -20.57
N LEU A 73 1.35 7.60 -21.82
CA LEU A 73 -0.10 7.66 -22.03
C LEU A 73 -0.81 6.42 -21.48
N SER A 74 -0.20 5.23 -21.56
CA SER A 74 -0.93 4.06 -21.06
C SER A 74 -1.16 4.16 -19.55
N GLN A 75 -0.20 4.72 -18.82
CA GLN A 75 -0.39 4.99 -17.40
C GLN A 75 -1.39 6.11 -17.16
N LEU A 76 -1.26 7.23 -17.90
CA LEU A 76 -2.18 8.34 -17.76
C LEU A 76 -3.61 7.90 -18.01
N ALA A 77 -3.81 7.00 -18.97
CA ALA A 77 -5.16 6.56 -19.31
C ALA A 77 -5.89 5.91 -18.14
N LYS A 78 -5.16 5.18 -17.30
CA LYS A 78 -5.83 4.63 -16.11
C LYS A 78 -6.29 5.73 -15.18
N TRP A 79 -5.43 6.75 -14.99
CA TRP A 79 -5.77 7.83 -14.08
C TRP A 79 -6.89 8.70 -14.63
N LYS A 80 -6.85 8.99 -15.94
CA LYS A 80 -7.97 9.69 -16.59
C LYS A 80 -9.27 8.92 -16.42
N THR A 81 -9.23 7.59 -16.62
CA THR A 81 -10.43 6.77 -16.41
C THR A 81 -10.96 6.96 -15.00
N ALA A 82 -10.09 6.83 -13.99
CA ALA A 82 -10.49 6.99 -12.61
C ALA A 82 -11.02 8.39 -12.34
N GLU A 83 -10.38 9.40 -12.94
CA GLU A 83 -10.78 10.81 -12.78
C GLU A 83 -12.20 11.00 -13.31
N GLU A 84 -12.51 10.43 -14.48
CA GLU A 84 -13.82 10.51 -15.16
C GLU A 84 -14.90 9.71 -14.42
N VAL A 85 -14.56 8.52 -13.92
CA VAL A 85 -15.51 7.65 -13.16
C VAL A 85 -15.86 8.31 -11.83
N SER A 86 -14.86 8.89 -11.15
N SER A 86 -14.86 8.88 -11.16
CA SER A 86 -15.12 9.59 -9.87
CA SER A 86 -15.10 9.59 -9.87
C SER A 86 -15.97 10.85 -10.09
C SER A 86 -15.98 10.84 -10.10
N ALA A 87 -15.69 11.61 -11.27
CA ALA A 87 -16.67 12.80 -11.35
C ALA A 87 -18.07 12.31 -11.72
N LEU A 88 -18.20 11.19 -12.44
CA LEU A 88 -19.54 10.64 -12.77
C LEU A 88 -20.25 10.26 -11.46
N VAL A 89 -19.54 9.60 -10.56
CA VAL A 89 -20.10 9.20 -9.23
C VAL A 89 -20.44 10.47 -8.43
N ARG A 90 -19.59 11.50 -8.47
CA ARG A 90 -19.81 12.78 -7.73
C ARG A 90 -21.07 13.45 -8.29
N SER A 91 -21.22 13.45 -9.61
CA SER A 91 -22.33 14.09 -10.35
C SER A 91 -23.65 13.34 -10.11
N LEU A 92 -23.60 12.04 -9.89
CA LEU A 92 -24.84 11.25 -9.74
C LEU A 92 -25.55 11.70 -8.46
N PRO A 93 -26.91 11.74 -8.37
CA PRO A 93 -27.60 12.01 -7.10
C PRO A 93 -27.25 10.93 -6.06
N LYS A 94 -27.35 11.21 -4.76
CA LYS A 94 -26.91 10.28 -3.73
C LYS A 94 -27.55 8.92 -3.89
N GLU A 95 -28.87 8.88 -4.10
CA GLU A 95 -29.58 7.62 -4.18
C GLU A 95 -29.28 6.85 -5.46
N GLU A 96 -28.55 7.45 -6.40
CA GLU A 96 -28.14 6.77 -7.63
C GLU A 96 -26.68 6.37 -7.62
N GLN A 97 -25.92 6.81 -6.62
CA GLN A 97 -24.51 6.51 -6.60
C GLN A 97 -24.32 5.01 -6.33
N PRO A 98 -23.28 4.40 -6.91
CA PRO A 98 -23.09 2.96 -6.68
C PRO A 98 -22.60 2.69 -5.27
N LYS A 99 -22.90 1.48 -4.81
N LYS A 99 -22.90 1.48 -4.82
CA LYS A 99 -22.30 0.96 -3.59
CA LYS A 99 -22.31 0.95 -3.60
C LYS A 99 -21.01 0.20 -3.87
C LYS A 99 -21.01 0.21 -3.87
N GLN A 100 -20.85 -0.30 -5.10
CA GLN A 100 -19.63 -1.00 -5.52
C GLN A 100 -19.30 -0.56 -6.94
N ILE A 101 -18.00 -0.46 -7.23
CA ILE A 101 -17.52 -0.32 -8.60
C ILE A 101 -16.58 -1.47 -8.87
N ILE A 102 -16.89 -2.28 -9.89
CA ILE A 102 -16.07 -3.45 -10.26
C ILE A 102 -15.25 -3.12 -11.51
N VAL A 103 -13.91 -3.12 -11.38
CA VAL A 103 -13.04 -2.87 -12.53
C VAL A 103 -12.66 -4.17 -13.21
N THR A 104 -12.69 -4.18 -14.52
CA THR A 104 -12.38 -5.36 -15.30
C THR A 104 -10.90 -5.67 -15.34
N ARG A 105 -10.04 -4.68 -15.04
CA ARG A 105 -8.60 -4.87 -15.06
C ARG A 105 -8.00 -4.37 -13.77
N LYS A 106 -7.17 -5.22 -13.13
CA LYS A 106 -6.68 -4.94 -11.79
C LYS A 106 -5.80 -3.71 -11.74
N ALA A 107 -5.24 -3.29 -12.87
CA ALA A 107 -4.43 -2.08 -12.86
C ALA A 107 -5.26 -0.83 -12.59
N MET A 108 -6.60 -0.91 -12.68
CA MET A 108 -7.46 0.21 -12.34
C MET A 108 -7.73 0.35 -10.85
N LEU A 109 -7.35 -0.63 -10.02
CA LEU A 109 -7.74 -0.56 -8.63
C LEU A 109 -7.16 0.66 -7.92
N ASP A 110 -5.82 0.82 -7.93
CA ASP A 110 -5.22 1.94 -7.22
C ASP A 110 -5.64 3.29 -7.79
N PRO A 111 -5.63 3.51 -9.10
CA PRO A 111 -6.11 4.82 -9.60
C PRO A 111 -7.52 5.12 -9.14
N LEU A 112 -8.42 4.14 -9.21
CA LEU A 112 -9.80 4.43 -8.82
C LEU A 112 -9.92 4.60 -7.32
N GLU A 113 -9.25 3.75 -6.53
CA GLU A 113 -9.26 3.94 -5.08
C GLU A 113 -8.80 5.35 -4.68
N VAL A 114 -7.75 5.87 -5.30
CA VAL A 114 -7.20 7.15 -4.91
C VAL A 114 -8.16 8.28 -5.30
N HIS A 115 -8.79 8.15 -6.46
CA HIS A 115 -9.77 9.15 -6.89
C HIS A 115 -11.08 9.10 -6.09
N MET A 116 -11.36 7.98 -5.44
CA MET A 116 -12.61 7.83 -4.71
C MET A 116 -12.41 7.92 -3.21
N LEU A 117 -11.27 8.49 -2.75
CA LEU A 117 -11.02 8.60 -1.31
C LEU A 117 -12.17 9.27 -0.57
N ASP A 118 -12.84 10.22 -1.22
CA ASP A 118 -13.96 10.97 -0.67
C ASP A 118 -15.21 10.10 -0.49
N PHE A 119 -15.16 8.84 -0.93
CA PHE A 119 -16.30 7.92 -0.90
C PHE A 119 -15.86 6.63 -0.25
N PRO A 120 -15.50 6.67 1.04
CA PRO A 120 -14.95 5.47 1.69
C PRO A 120 -15.94 4.31 1.73
N ASN A 121 -17.23 4.57 1.60
CA ASN A 121 -18.21 3.49 1.62
C ASN A 121 -18.54 2.92 0.23
N ILE A 122 -17.87 3.36 -0.83
CA ILE A 122 -18.02 2.72 -2.13
C ILE A 122 -16.88 1.73 -2.30
N ALA A 123 -17.22 0.44 -2.39
CA ALA A 123 -16.22 -0.61 -2.52
C ALA A 123 -15.70 -0.65 -3.95
N ILE A 124 -14.38 -0.68 -4.10
CA ILE A 124 -13.72 -0.80 -5.39
C ILE A 124 -13.18 -2.22 -5.46
N ARG A 125 -13.65 -3.00 -6.43
CA ARG A 125 -13.41 -4.44 -6.45
C ARG A 125 -12.86 -4.87 -7.80
N PRO A 126 -11.94 -5.83 -7.83
CA PRO A 126 -11.62 -6.52 -9.07
C PRO A 126 -12.62 -7.63 -9.34
N THR A 127 -12.45 -8.28 -10.48
CA THR A 127 -13.24 -9.46 -10.81
C THR A 127 -12.34 -10.53 -11.40
N GLU A 128 -12.71 -11.79 -11.13
N GLU A 128 -12.69 -11.80 -11.14
CA GLU A 128 -12.10 -12.93 -11.77
CA GLU A 128 -12.04 -12.90 -11.83
C GLU A 128 -12.82 -13.35 -13.06
C GLU A 128 -12.76 -13.28 -13.11
N LEU A 129 -13.92 -12.67 -13.40
CA LEU A 129 -14.59 -12.92 -14.67
C LEU A 129 -13.79 -12.30 -15.82
N ARG A 130 -13.73 -13.01 -16.94
CA ARG A 130 -13.13 -12.48 -18.17
C ARG A 130 -14.29 -11.95 -19.00
N LEU A 131 -14.47 -10.64 -18.94
CA LEU A 131 -15.61 -10.03 -19.55
C LEU A 131 -15.22 -9.42 -20.87
N PRO A 132 -16.07 -9.50 -21.86
CA PRO A 132 -15.65 -9.11 -23.20
C PRO A 132 -15.99 -7.67 -23.53
N PHE A 133 -15.93 -6.77 -22.54
CA PHE A 133 -16.39 -5.41 -22.78
C PHE A 133 -15.50 -4.66 -23.78
N SER A 134 -14.27 -5.12 -24.03
CA SER A 134 -13.45 -4.50 -25.09
C SER A 134 -14.17 -4.48 -26.45
N ALA A 135 -15.02 -5.42 -26.72
CA ALA A 135 -15.76 -5.50 -27.96
C ALA A 135 -16.92 -4.51 -28.06
N ALA A 136 -17.08 -3.58 -27.10
CA ALA A 136 -18.14 -2.57 -27.21
C ALA A 136 -18.01 -1.79 -28.50
N MET A 137 -16.78 -1.57 -28.93
CA MET A 137 -16.63 -0.80 -30.15
C MET A 137 -16.99 -1.60 -31.39
N SER A 138 -17.41 -2.85 -31.25
CA SER A 138 -17.99 -3.60 -32.36
C SER A 138 -19.49 -3.38 -32.49
N ILE A 139 -20.10 -2.68 -31.54
CA ILE A 139 -21.50 -2.27 -31.65
C ILE A 139 -21.52 -0.99 -32.47
N ASP A 140 -22.13 -1.08 -33.66
CA ASP A 140 -21.98 -0.01 -34.66
C ASP A 140 -22.34 1.36 -34.11
N LYS A 141 -23.46 1.47 -33.39
CA LYS A 141 -23.89 2.79 -32.92
C LYS A 141 -22.93 3.37 -31.87
N LEU A 142 -22.30 2.52 -31.04
CA LEU A 142 -21.29 3.00 -30.09
C LEU A 142 -20.01 3.42 -30.81
N SER A 143 -19.52 2.60 -31.74
CA SER A 143 -18.33 2.98 -32.49
C SER A 143 -18.56 4.30 -33.21
N ASP A 144 -19.76 4.49 -33.78
CA ASP A 144 -20.01 5.68 -34.59
C ASP A 144 -19.94 6.95 -33.73
N VAL A 145 -20.54 6.94 -32.54
CA VAL A 145 -20.54 8.16 -31.74
C VAL A 145 -19.13 8.45 -31.25
N VAL A 146 -18.34 7.42 -30.95
CA VAL A 146 -16.98 7.65 -30.49
C VAL A 146 -16.12 8.27 -31.62
N MET A 147 -16.22 7.68 -32.81
N MET A 147 -16.19 7.68 -32.81
N MET A 147 -16.22 7.70 -32.81
CA MET A 147 -15.37 8.11 -33.92
CA MET A 147 -15.34 8.15 -33.90
CA MET A 147 -15.33 8.18 -33.87
C MET A 147 -15.77 9.48 -34.45
C MET A 147 -15.76 9.54 -34.39
C MET A 147 -15.77 9.54 -34.40
N LYS A 148 -17.05 9.86 -34.34
CA LYS A 148 -17.51 11.17 -34.81
C LYS A 148 -17.27 12.30 -33.81
N ALA A 149 -16.96 11.99 -32.56
CA ALA A 149 -16.79 13.03 -31.56
C ALA A 149 -15.63 13.96 -31.90
N THR A 150 -15.88 15.26 -31.73
CA THR A 150 -14.87 16.28 -31.94
C THR A 150 -14.40 16.91 -30.64
N GLU A 151 -14.97 16.49 -29.51
CA GLU A 151 -14.67 17.00 -28.18
C GLU A 151 -15.09 15.96 -27.16
N PRO A 152 -14.61 16.05 -25.92
CA PRO A 152 -15.10 15.13 -24.88
C PRO A 152 -16.62 15.18 -24.78
N GLN A 153 -17.26 14.02 -24.62
CA GLN A 153 -18.74 13.98 -24.57
C GLN A 153 -19.15 12.81 -23.71
N MET A 154 -20.23 12.92 -22.95
CA MET A 154 -20.77 11.77 -22.19
C MET A 154 -22.00 11.31 -22.98
N VAL A 155 -22.09 10.04 -23.36
CA VAL A 155 -23.26 9.57 -24.13
C VAL A 155 -23.94 8.47 -23.32
N LEU A 156 -25.26 8.54 -23.16
CA LEU A 156 -26.04 7.58 -22.35
C LEU A 156 -26.69 6.57 -23.29
N PHE A 157 -26.74 5.30 -22.89
CA PHE A 157 -27.38 4.22 -23.67
C PHE A 157 -27.89 3.13 -22.74
N ASN A 158 -28.94 2.44 -23.12
CA ASN A 158 -29.33 1.19 -22.44
C ASN A 158 -28.84 0.02 -23.32
N ILE A 159 -27.82 -0.70 -22.83
CA ILE A 159 -27.20 -1.74 -23.64
C ILE A 159 -28.07 -2.97 -23.78
N TYR A 160 -29.19 -3.03 -23.06
CA TYR A 160 -30.15 -4.13 -23.17
C TYR A 160 -31.35 -3.77 -24.04
N ASP A 161 -31.34 -2.62 -24.73
CA ASP A 161 -32.54 -2.19 -25.45
C ASP A 161 -33.75 -2.37 -24.53
N ASP A 162 -34.81 -3.07 -24.98
CA ASP A 162 -36.01 -3.31 -24.20
C ASP A 162 -36.09 -4.74 -23.65
N TRP A 163 -34.97 -5.46 -23.57
CA TRP A 163 -35.03 -6.87 -23.20
C TRP A 163 -35.60 -7.07 -21.81
N LEU A 164 -35.42 -6.13 -20.88
CA LEU A 164 -35.85 -6.38 -19.51
C LEU A 164 -37.38 -6.38 -19.39
N ASP A 165 -38.08 -5.94 -20.43
CA ASP A 165 -39.53 -6.13 -20.49
C ASP A 165 -39.91 -7.59 -20.54
N ARG A 166 -39.01 -8.45 -21.02
CA ARG A 166 -39.33 -9.86 -21.22
C ARG A 166 -38.42 -10.83 -20.49
N ILE A 167 -37.20 -10.43 -20.12
CA ILE A 167 -36.25 -11.32 -19.45
C ILE A 167 -35.69 -10.63 -18.22
N SER A 168 -35.07 -11.44 -17.36
CA SER A 168 -34.44 -10.94 -16.15
C SER A 168 -33.09 -10.33 -16.47
N SER A 169 -32.60 -9.54 -15.52
N SER A 169 -32.56 -9.57 -15.52
CA SER A 169 -31.26 -8.97 -15.66
CA SER A 169 -31.24 -8.98 -15.75
C SER A 169 -30.21 -10.06 -15.81
C SER A 169 -30.12 -10.00 -15.71
N TYR A 170 -30.30 -11.14 -15.02
CA TYR A 170 -29.34 -12.22 -15.17
C TYR A 170 -29.25 -12.69 -16.60
N THR A 171 -30.41 -12.94 -17.22
CA THR A 171 -30.45 -13.43 -18.59
C THR A 171 -29.97 -12.37 -19.57
N ALA A 172 -30.35 -11.11 -19.34
CA ALA A 172 -29.92 -10.04 -20.24
C ALA A 172 -28.40 -9.90 -20.23
N PHE A 173 -27.77 -9.96 -19.04
CA PHE A 173 -26.31 -9.87 -18.94
C PHE A 173 -25.66 -11.05 -19.63
N SER A 174 -26.23 -12.25 -19.42
CA SER A 174 -25.71 -13.43 -20.10
C SER A 174 -25.80 -13.29 -21.63
N ARG A 175 -26.91 -12.74 -22.14
CA ARG A 175 -27.05 -12.51 -23.57
C ARG A 175 -26.03 -11.48 -24.04
N LEU A 176 -25.88 -10.41 -23.27
CA LEU A 176 -24.92 -9.38 -23.64
C LEU A 176 -23.51 -9.93 -23.72
N THR A 177 -23.09 -10.68 -22.69
CA THR A 177 -21.71 -11.16 -22.68
C THR A 177 -21.52 -12.19 -23.78
N LEU A 178 -22.55 -12.99 -24.10
CA LEU A 178 -22.42 -13.91 -25.23
C LEU A 178 -22.27 -13.15 -26.55
N LEU A 179 -23.07 -12.10 -26.75
CA LEU A 179 -22.96 -11.33 -27.98
C LEU A 179 -21.59 -10.67 -28.08
N LEU A 180 -21.13 -10.06 -26.98
CA LEU A 180 -19.84 -9.39 -27.00
C LEU A 180 -18.69 -10.38 -27.15
N ARG A 181 -18.77 -11.55 -26.50
CA ARG A 181 -17.72 -12.54 -26.71
C ARG A 181 -17.65 -12.96 -28.17
N ALA A 182 -18.80 -13.18 -28.82
CA ALA A 182 -18.83 -13.56 -30.22
C ALA A 182 -18.26 -12.47 -31.11
N LEU A 183 -18.62 -11.21 -30.85
CA LEU A 183 -18.07 -10.10 -31.65
C LEU A 183 -16.56 -9.97 -31.43
N LYS A 184 -16.09 -10.29 -30.22
CA LYS A 184 -14.67 -10.24 -29.92
C LYS A 184 -13.91 -11.36 -30.64
N THR A 185 -14.50 -12.55 -30.72
N THR A 185 -14.52 -12.53 -30.75
CA THR A 185 -13.79 -13.68 -31.30
CA THR A 185 -13.83 -13.69 -31.28
C THR A 185 -13.81 -13.66 -32.82
C THR A 185 -13.84 -13.70 -32.80
N ASN A 186 -14.96 -13.34 -33.43
CA ASN A 186 -15.04 -13.24 -34.89
C ASN A 186 -16.08 -12.19 -35.23
N GLU A 187 -15.62 -10.96 -35.35
CA GLU A 187 -16.52 -9.84 -35.50
C GLU A 187 -17.35 -9.97 -36.79
N GLU A 188 -16.69 -10.31 -37.90
CA GLU A 188 -17.41 -10.36 -39.17
C GLU A 188 -18.55 -11.36 -39.10
N SER A 189 -18.27 -12.54 -38.57
CA SER A 189 -19.27 -13.60 -38.52
C SER A 189 -20.39 -13.26 -37.56
N ALA A 190 -20.05 -12.64 -36.42
CA ALA A 190 -21.07 -12.23 -35.47
C ALA A 190 -22.03 -11.22 -36.08
N LYS A 191 -21.50 -10.20 -36.77
CA LYS A 191 -22.38 -9.21 -37.40
C LYS A 191 -23.22 -9.86 -38.50
N MET A 192 -22.64 -10.80 -39.26
CA MET A 192 -23.41 -11.54 -40.24
CA MET A 192 -23.41 -11.56 -40.25
C MET A 192 -24.61 -12.23 -39.59
N ILE A 193 -24.39 -12.92 -38.47
CA ILE A 193 -25.47 -13.58 -37.75
C ILE A 193 -26.55 -12.59 -37.33
N LEU A 194 -26.13 -11.42 -36.86
CA LEU A 194 -27.08 -10.46 -36.29
C LEU A 194 -27.91 -9.77 -37.37
N LEU A 195 -27.36 -9.59 -38.57
CA LEU A 195 -28.06 -8.88 -39.63
C LEU A 195 -28.49 -9.75 -40.80
N SER A 196 -28.02 -10.99 -40.90
CA SER A 196 -28.21 -11.79 -42.11
C SER A 196 -29.62 -11.62 -42.68
N ASP A 197 -30.62 -11.61 -41.80
CA ASP A 197 -32.02 -11.58 -42.22
C ASP A 197 -32.51 -10.14 -42.32
N PRO A 198 -32.73 -9.60 -43.53
CA PRO A 198 -33.07 -8.17 -43.63
C PRO A 198 -34.41 -7.78 -43.03
N THR A 199 -35.31 -8.73 -42.77
CA THR A 199 -36.63 -8.37 -42.25
C THR A 199 -36.62 -8.05 -40.75
N ILE A 200 -35.52 -8.33 -40.05
CA ILE A 200 -35.38 -7.97 -38.65
C ILE A 200 -34.47 -6.75 -38.59
N THR A 201 -34.97 -5.66 -38.03
CA THR A 201 -34.27 -4.40 -38.06
C THR A 201 -33.91 -3.95 -36.64
N ILE A 202 -33.00 -2.97 -36.59
CA ILE A 202 -32.61 -2.28 -35.38
C ILE A 202 -33.42 -1.01 -35.27
N LYS A 203 -34.20 -0.88 -34.22
CA LYS A 203 -34.96 0.36 -34.07
C LYS A 203 -34.01 1.52 -33.91
N SER A 204 -34.45 2.69 -34.38
CA SER A 204 -33.67 3.92 -34.25
C SER A 204 -33.16 4.13 -32.82
N TYR A 205 -33.96 3.74 -31.82
CA TYR A 205 -33.65 3.98 -30.42
C TYR A 205 -33.00 2.76 -29.74
N HIS A 206 -32.55 1.78 -30.53
CA HIS A 206 -31.95 0.54 -30.00
C HIS A 206 -30.56 0.33 -30.56
N LEU A 207 -29.83 -0.59 -29.93
CA LEU A 207 -28.50 -0.99 -30.39
C LEU A 207 -28.50 -2.32 -31.15
N TRP A 208 -29.39 -3.22 -30.83
CA TRP A 208 -29.43 -4.57 -31.38
C TRP A 208 -30.75 -4.77 -32.13
N PRO A 209 -30.85 -5.83 -32.93
CA PRO A 209 -32.08 -6.05 -33.70
C PRO A 209 -33.25 -6.44 -32.82
N SER A 210 -34.44 -6.32 -33.41
CA SER A 210 -35.70 -6.54 -32.72
C SER A 210 -36.17 -8.00 -32.86
N PHE A 211 -35.40 -8.89 -32.24
CA PHE A 211 -35.69 -10.31 -32.34
C PHE A 211 -36.83 -10.71 -31.42
N THR A 212 -37.66 -11.63 -31.90
CA THR A 212 -38.63 -12.26 -31.04
C THR A 212 -37.91 -13.18 -30.04
N ASP A 213 -38.66 -13.61 -29.03
CA ASP A 213 -38.15 -14.60 -28.09
C ASP A 213 -37.56 -15.81 -28.80
N GLU A 214 -38.31 -16.37 -29.76
CA GLU A 214 -37.81 -17.56 -30.45
C GLU A 214 -36.57 -17.26 -31.28
N GLN A 215 -36.54 -16.09 -31.93
CA GLN A 215 -35.40 -15.72 -32.73
C GLN A 215 -34.16 -15.45 -31.89
N TRP A 216 -34.33 -14.94 -30.67
CA TRP A 216 -33.17 -14.77 -29.80
C TRP A 216 -32.57 -16.12 -29.44
N ILE A 217 -33.40 -17.16 -29.26
CA ILE A 217 -32.87 -18.49 -29.01
C ILE A 217 -32.02 -18.95 -30.18
N THR A 218 -32.53 -18.81 -31.39
CA THR A 218 -31.76 -19.16 -32.58
C THR A 218 -30.45 -18.37 -32.62
N ILE A 219 -30.54 -17.05 -32.43
CA ILE A 219 -29.35 -16.20 -32.51
C ILE A 219 -28.32 -16.64 -31.47
N GLU A 220 -28.76 -16.84 -30.23
CA GLU A 220 -27.84 -17.25 -29.18
C GLU A 220 -27.16 -18.57 -29.51
N SER A 221 -27.90 -19.52 -30.09
N SER A 221 -27.91 -19.53 -30.08
CA SER A 221 -27.31 -20.78 -30.50
CA SER A 221 -27.29 -20.78 -30.49
C SER A 221 -26.24 -20.56 -31.57
C SER A 221 -26.23 -20.55 -31.56
N GLN A 222 -26.53 -19.70 -32.55
CA GLN A 222 -25.56 -19.42 -33.60
C GLN A 222 -24.32 -18.72 -33.05
N MET A 223 -24.48 -17.84 -32.06
CA MET A 223 -23.34 -17.22 -31.41
C MET A 223 -22.50 -18.25 -30.66
N ARG A 224 -23.14 -19.16 -29.93
N ARG A 224 -23.14 -19.17 -29.95
CA ARG A 224 -22.38 -20.22 -29.27
CA ARG A 224 -22.38 -20.21 -29.27
C ARG A 224 -21.65 -21.08 -30.29
C ARG A 224 -21.65 -21.10 -30.27
N ASP A 225 -22.31 -21.42 -31.39
CA ASP A 225 -21.64 -22.20 -32.45
CA ASP A 225 -21.62 -22.20 -32.42
C ASP A 225 -20.42 -21.44 -32.99
N LEU A 226 -20.58 -20.13 -33.23
CA LEU A 226 -19.44 -19.35 -33.68
C LEU A 226 -18.27 -19.45 -32.71
N ILE A 227 -18.53 -19.30 -31.41
CA ILE A 227 -17.44 -19.29 -30.45
C ILE A 227 -16.77 -20.65 -30.43
N LEU A 228 -17.58 -21.72 -30.45
CA LEU A 228 -17.01 -23.05 -30.49
C LEU A 228 -16.25 -23.29 -31.80
N THR A 229 -16.87 -22.93 -32.93
CA THR A 229 -16.18 -22.99 -34.23
C THR A 229 -14.81 -22.31 -34.16
N GLU A 230 -14.75 -21.08 -33.62
CA GLU A 230 -13.47 -20.37 -33.60
C GLU A 230 -12.47 -21.02 -32.66
N TYR A 231 -12.95 -21.55 -31.54
CA TYR A 231 -12.08 -22.30 -30.65
C TYR A 231 -11.49 -23.52 -31.35
N GLY A 232 -12.30 -24.20 -32.16
CA GLY A 232 -11.76 -25.34 -32.92
C GLY A 232 -10.74 -24.91 -33.96
N ARG A 233 -11.02 -23.82 -34.67
CA ARG A 233 -10.07 -23.29 -35.64
C ARG A 233 -8.76 -22.92 -34.96
N LYS A 234 -8.87 -22.30 -33.78
CA LYS A 234 -7.69 -21.81 -33.06
C LYS A 234 -6.77 -22.94 -32.62
N TYR A 235 -7.31 -23.91 -31.90
CA TYR A 235 -6.52 -24.96 -31.28
C TYR A 235 -6.44 -26.23 -32.12
N ASN A 236 -7.02 -26.23 -33.34
CA ASN A 236 -6.96 -27.37 -34.24
C ASN A 236 -7.67 -28.59 -33.62
N VAL A 237 -8.92 -28.35 -33.20
CA VAL A 237 -9.73 -29.35 -32.51
C VAL A 237 -10.97 -29.71 -33.35
N MET B 5 30.71 8.62 32.94
CA MET B 5 30.04 7.29 32.72
C MET B 5 29.00 7.01 33.82
N ASN B 6 27.86 6.45 33.43
CA ASN B 6 26.76 6.21 34.36
C ASN B 6 26.45 4.72 34.48
N THR B 7 25.55 4.42 35.40
CA THR B 7 25.40 3.08 35.93
C THR B 7 23.91 2.77 36.13
N VAL B 8 23.47 1.58 35.72
CA VAL B 8 22.13 1.08 36.03
C VAL B 8 22.29 -0.15 36.90
N PRO B 9 22.15 0.00 38.22
CA PRO B 9 22.27 -1.16 39.11
C PRO B 9 21.01 -2.01 39.10
N PHE B 10 21.18 -3.25 39.50
CA PHE B 10 20.10 -4.23 39.64
C PHE B 10 20.03 -4.62 41.10
N THR B 11 18.84 -4.61 41.67
CA THR B 11 18.70 -5.10 43.03
C THR B 11 19.13 -6.54 43.13
N SER B 12 18.75 -7.37 42.18
CA SER B 12 19.10 -8.78 42.14
C SER B 12 18.64 -9.33 40.80
N ALA B 13 18.92 -10.60 40.57
CA ALA B 13 18.53 -11.29 39.34
C ALA B 13 17.93 -12.64 39.69
N PRO B 14 16.67 -12.65 40.11
CA PRO B 14 16.07 -13.89 40.63
C PRO B 14 15.64 -14.89 39.56
N ILE B 15 15.52 -14.49 38.30
CA ILE B 15 15.20 -15.42 37.26
C ILE B 15 16.23 -15.30 36.15
N GLU B 16 16.53 -16.45 35.57
CA GLU B 16 17.49 -16.55 34.48
C GLU B 16 16.97 -15.75 33.30
N VAL B 17 17.85 -14.95 32.69
CA VAL B 17 17.41 -13.96 31.72
C VAL B 17 18.60 -13.60 30.84
N THR B 18 18.33 -13.40 29.54
CA THR B 18 19.27 -12.73 28.65
C THR B 18 19.01 -11.23 28.72
N ILE B 19 20.04 -10.47 29.13
CA ILE B 19 19.96 -9.02 29.25
C ILE B 19 20.68 -8.36 28.08
N GLY B 20 19.99 -7.45 27.42
CA GLY B 20 20.58 -6.63 26.38
C GLY B 20 20.81 -5.21 26.90
N ILE B 21 21.90 -4.60 26.46
CA ILE B 21 22.13 -3.19 26.69
C ILE B 21 22.61 -2.69 25.33
N ASP B 22 21.79 -1.88 24.69
CA ASP B 22 22.04 -1.47 23.29
C ASP B 22 22.30 -2.72 22.46
N GLN B 23 23.31 -2.74 21.59
CA GLN B 23 23.56 -3.89 20.73
C GLN B 23 24.30 -5.01 21.43
N TYR B 24 24.54 -4.94 22.73
CA TYR B 24 25.25 -5.99 23.45
C TYR B 24 24.26 -6.84 24.24
N SER B 25 24.68 -8.05 24.61
CA SER B 25 23.81 -8.93 25.37
C SER B 25 24.64 -9.94 26.13
N PHE B 26 24.09 -10.38 27.26
CA PHE B 26 24.76 -11.39 28.06
C PHE B 26 23.72 -12.14 28.85
N ASN B 27 24.09 -13.33 29.29
CA ASN B 27 23.16 -14.22 29.97
C ASN B 27 23.43 -14.17 31.46
N VAL B 28 22.37 -14.09 32.26
CA VAL B 28 22.46 -14.12 33.72
C VAL B 28 21.73 -15.35 34.22
N LYS B 29 22.38 -16.13 35.09
CA LYS B 29 21.73 -17.33 35.58
C LYS B 29 20.81 -17.03 36.76
N GLU B 30 19.92 -17.98 37.03
CA GLU B 30 18.93 -17.86 38.10
C GLU B 30 19.61 -17.67 39.44
N ASN B 31 19.37 -16.52 40.09
CA ASN B 31 19.92 -16.13 41.39
C ASN B 31 21.43 -15.87 41.34
N GLN B 32 21.98 -15.59 40.17
CA GLN B 32 23.39 -15.23 40.07
C GLN B 32 23.62 -13.85 40.69
N PRO B 33 24.80 -13.63 41.31
CA PRO B 33 25.09 -12.36 42.00
C PRO B 33 25.37 -11.19 41.07
N PHE B 34 24.39 -10.87 40.23
CA PHE B 34 24.50 -9.82 39.24
C PHE B 34 23.84 -8.55 39.75
N HIS B 35 24.56 -7.42 39.67
CA HIS B 35 24.00 -6.19 40.21
C HIS B 35 24.14 -5.01 39.26
N GLY B 36 24.22 -5.26 37.93
CA GLY B 36 23.93 -4.24 36.96
C GLY B 36 25.05 -3.99 35.96
N ILE B 37 24.93 -2.83 35.33
CA ILE B 37 25.70 -2.43 34.17
C ILE B 37 26.33 -1.09 34.47
N LYS B 38 27.67 -1.02 34.37
CA LYS B 38 28.39 0.21 34.58
C LYS B 38 29.04 0.70 33.27
N ASP B 39 29.61 1.91 33.36
CA ASP B 39 30.38 2.54 32.27
C ASP B 39 29.52 2.78 31.03
N ILE B 40 28.25 3.13 31.23
CA ILE B 40 27.35 3.43 30.14
C ILE B 40 27.66 4.80 29.57
N PRO B 41 27.95 4.91 28.26
CA PRO B 41 28.39 6.20 27.69
C PRO B 41 27.32 7.26 27.80
N ILE B 42 27.71 8.37 28.43
CA ILE B 42 26.87 9.54 28.48
C ILE B 42 26.83 10.16 27.09
N GLY B 43 25.68 10.66 26.71
CA GLY B 43 25.50 11.41 25.48
C GLY B 43 24.56 10.76 24.51
N HIS B 44 24.09 9.56 24.82
CA HIS B 44 23.16 8.85 23.96
C HIS B 44 21.98 8.34 24.76
N VAL B 45 20.87 8.12 24.08
N VAL B 45 20.86 8.15 24.09
CA VAL B 45 19.82 7.29 24.66
CA VAL B 45 19.84 7.28 24.68
C VAL B 45 20.24 5.83 24.59
C VAL B 45 20.43 5.89 24.76
N HIS B 46 19.79 5.05 25.57
CA HIS B 46 20.14 3.64 25.69
C HIS B 46 18.88 2.81 25.87
N VAL B 47 19.02 1.52 25.65
CA VAL B 47 17.91 0.60 25.85
C VAL B 47 18.44 -0.61 26.61
N ILE B 48 17.77 -0.98 27.70
N ILE B 48 17.83 -0.92 27.75
CA ILE B 48 18.09 -2.18 28.45
CA ILE B 48 18.09 -2.17 28.44
C ILE B 48 16.93 -3.14 28.29
C ILE B 48 16.91 -3.09 28.14
N HIS B 49 17.21 -4.33 27.80
CA HIS B 49 16.14 -5.23 27.36
C HIS B 49 16.36 -6.65 27.87
N PHE B 50 15.25 -7.38 27.86
CA PHE B 50 15.20 -8.65 28.59
C PHE B 50 14.48 -9.69 27.75
N GLN B 51 14.97 -10.92 27.86
CA GLN B 51 14.23 -12.08 27.36
C GLN B 51 14.42 -13.20 28.36
N HIS B 52 13.33 -13.64 28.96
CA HIS B 52 13.43 -14.61 30.03
C HIS B 52 13.84 -15.98 29.50
N ALA B 53 14.66 -16.68 30.26
CA ALA B 53 15.18 -17.96 29.77
C ALA B 53 14.06 -19.00 29.70
N ASP B 54 13.17 -18.98 30.68
CA ASP B 54 12.10 -19.96 30.80
C ASP B 54 10.86 -19.58 30.00
N ASN B 55 10.87 -18.41 29.37
CA ASN B 55 9.71 -18.00 28.57
C ASN B 55 10.17 -16.87 27.63
N SER B 56 10.59 -17.26 26.44
CA SER B 56 11.03 -16.29 25.46
C SER B 56 9.90 -15.41 24.96
N SER B 57 8.64 -15.70 25.36
CA SER B 57 7.53 -14.80 25.08
C SER B 57 7.81 -13.44 25.71
N MET B 58 7.34 -12.40 25.05
N MET B 58 7.44 -12.40 24.98
CA MET B 58 7.60 -11.04 25.48
CA MET B 58 7.57 -11.04 25.47
C MET B 58 9.10 -10.78 25.68
C MET B 58 9.04 -10.66 25.69
N ARG B 59 9.78 -10.38 24.62
CA ARG B 59 10.95 -9.54 24.78
C ARG B 59 10.39 -8.22 25.31
N TYR B 60 11.09 -7.55 26.24
CA TYR B 60 10.61 -6.26 26.73
C TYR B 60 11.81 -5.47 27.22
N GLY B 61 11.61 -4.18 27.42
CA GLY B 61 12.78 -3.33 27.74
C GLY B 61 12.41 -1.88 28.00
N TYR B 62 13.47 -1.09 28.26
CA TYR B 62 13.30 0.27 28.72
C TYR B 62 14.30 1.17 27.99
N TRP B 63 13.77 2.22 27.39
CA TRP B 63 14.59 3.30 26.84
C TRP B 63 14.80 4.36 27.91
N PHE B 64 16.06 4.82 28.04
CA PHE B 64 16.41 5.75 29.10
C PHE B 64 17.62 6.56 28.70
N ASP B 65 17.84 7.63 29.46
CA ASP B 65 18.98 8.52 29.26
C ASP B 65 19.48 8.86 30.66
N CYS B 66 20.70 8.43 31.00
CA CYS B 66 21.24 8.64 32.34
C CYS B 66 21.39 10.12 32.70
N ARG B 67 21.34 11.00 31.72
CA ARG B 67 21.35 12.43 32.02
C ARG B 67 20.08 12.91 32.68
N MET B 68 18.99 12.14 32.64
N MET B 68 18.99 12.12 32.64
CA MET B 68 17.69 12.60 33.14
CA MET B 68 17.68 12.54 33.11
C MET B 68 17.37 12.09 34.54
C MET B 68 17.32 12.01 34.49
N GLY B 69 18.20 11.24 35.12
CA GLY B 69 17.87 10.67 36.40
C GLY B 69 18.72 9.45 36.67
N ASN B 70 18.57 8.95 37.88
CA ASN B 70 19.25 7.75 38.34
C ASN B 70 18.26 6.59 38.27
N PHE B 71 18.55 5.59 37.44
CA PHE B 71 17.62 4.48 37.18
C PHE B 71 18.23 3.17 37.61
N TYR B 72 17.38 2.27 38.11
CA TYR B 72 17.81 0.94 38.49
C TYR B 72 16.74 -0.08 38.09
N ILE B 73 17.11 -1.35 38.14
CA ILE B 73 16.23 -2.46 37.77
C ILE B 73 15.96 -3.29 39.00
N GLN B 74 14.70 -3.65 39.19
CA GLN B 74 14.30 -4.56 40.26
C GLN B 74 13.25 -5.51 39.72
N TYR B 75 13.43 -6.80 40.01
CA TYR B 75 12.47 -7.82 39.57
C TYR B 75 11.22 -7.74 40.46
N ASP B 76 10.05 -7.81 39.81
CA ASP B 76 8.75 -7.83 40.49
C ASP B 76 8.16 -9.24 40.38
N PRO B 77 8.11 -10.00 41.47
CA PRO B 77 7.60 -11.37 41.34
C PRO B 77 6.11 -11.45 41.14
N LYS B 78 5.38 -10.36 41.35
CA LYS B 78 3.94 -10.40 41.09
C LYS B 78 3.67 -10.24 39.60
N ASP B 79 4.21 -9.18 38.98
CA ASP B 79 4.07 -9.00 37.55
C ASP B 79 5.04 -9.82 36.72
N GLY B 80 6.04 -10.47 37.33
CA GLY B 80 6.89 -11.38 36.63
C GLY B 80 7.81 -10.69 35.64
N LEU B 81 8.28 -9.50 35.95
CA LEU B 81 9.29 -8.91 35.08
C LEU B 81 10.25 -8.00 35.82
N TYR B 82 11.39 -7.77 35.15
CA TYR B 82 12.36 -6.77 35.58
C TYR B 82 11.82 -5.38 35.27
N LYS B 83 11.63 -4.55 36.29
CA LYS B 83 11.09 -3.20 36.15
C LYS B 83 12.19 -2.17 36.33
N MET B 84 12.17 -1.15 35.47
CA MET B 84 12.98 0.02 35.72
C MET B 84 12.29 0.93 36.71
N MET B 85 13.08 1.53 37.57
CA MET B 85 12.61 2.50 38.53
C MET B 85 13.61 3.64 38.62
N GLU B 86 13.13 4.78 39.10
CA GLU B 86 13.99 5.94 39.36
C GLU B 86 14.22 6.06 40.86
N GLU B 87 15.49 6.25 41.24
CA GLU B 87 15.86 6.55 42.61
C GLU B 87 16.05 8.07 42.73
N ARG B 88 15.23 8.71 43.55
CA ARG B 88 15.30 10.15 43.71
C ARG B 88 16.34 10.59 44.74
N ASP B 89 16.76 9.69 45.63
CA ASP B 89 17.76 9.97 46.66
C ASP B 89 19.14 9.74 46.05
N GLY B 90 19.79 10.84 45.68
CA GLY B 90 21.08 10.73 44.99
C GLY B 90 22.16 10.08 45.84
N ALA B 91 22.19 10.39 47.13
CA ALA B 91 23.25 9.85 47.99
C ALA B 91 23.07 8.36 48.22
N LYS B 92 21.82 7.94 48.40
CA LYS B 92 21.53 6.51 48.47
C LYS B 92 22.00 5.81 47.20
N PHE B 93 21.67 6.39 46.04
CA PHE B 93 22.00 5.76 44.76
C PHE B 93 23.51 5.63 44.59
N GLU B 94 24.25 6.71 44.83
CA GLU B 94 25.71 6.65 44.70
C GLU B 94 26.30 5.57 45.60
N ASN B 95 25.82 5.48 46.85
CA ASN B 95 26.37 4.52 47.81
C ASN B 95 26.11 3.09 47.39
N ILE B 96 24.91 2.83 46.86
CA ILE B 96 24.58 1.50 46.37
C ILE B 96 25.51 1.12 45.23
N VAL B 97 25.63 1.99 44.23
CA VAL B 97 26.48 1.68 43.09
C VAL B 97 27.91 1.43 43.56
N HIS B 98 28.43 2.33 44.41
CA HIS B 98 29.82 2.17 44.85
C HIS B 98 30.07 0.79 45.46
N ASN B 99 29.21 0.37 46.39
CA ASN B 99 29.34 -0.96 46.98
C ASN B 99 29.35 -2.06 45.91
N PHE B 100 28.41 -1.99 44.95
CA PHE B 100 28.36 -3.00 43.89
C PHE B 100 29.60 -2.95 43.01
N LYS B 101 30.10 -1.74 42.72
CA LYS B 101 31.32 -1.64 41.94
C LYS B 101 32.50 -2.21 42.70
N GLU B 102 32.58 -1.91 44.00
CA GLU B 102 33.69 -2.37 44.82
C GLU B 102 33.73 -3.89 44.88
N ARG B 103 32.55 -4.53 44.95
CA ARG B 103 32.48 -5.98 44.93
C ARG B 103 32.48 -6.56 43.52
N GLN B 104 32.64 -5.72 42.49
CA GLN B 104 32.82 -6.15 41.10
C GLN B 104 31.66 -7.03 40.64
N MET B 105 30.44 -6.61 40.97
CA MET B 105 29.25 -7.36 40.61
C MET B 105 28.48 -6.72 39.48
N MET B 106 29.13 -5.90 38.65
CA MET B 106 28.50 -5.25 37.51
C MET B 106 29.27 -5.59 36.25
N VAL B 107 28.56 -5.76 35.13
CA VAL B 107 29.23 -5.86 33.84
C VAL B 107 29.50 -4.47 33.32
N SER B 108 30.57 -4.35 32.55
CA SER B 108 30.94 -3.08 31.96
C SER B 108 30.38 -3.00 30.54
N TYR B 109 29.70 -1.90 30.25
CA TYR B 109 29.28 -1.61 28.89
C TYR B 109 30.48 -1.79 27.96
N PRO B 110 30.48 -2.79 27.07
CA PRO B 110 31.72 -3.20 26.41
C PRO B 110 31.99 -2.46 25.12
N LYS B 111 32.14 -1.14 25.20
CA LYS B 111 32.33 -0.32 24.02
C LYS B 111 33.80 -0.35 23.59
N ILE B 112 34.03 -0.75 22.34
CA ILE B 112 35.33 -0.57 21.69
C ILE B 112 35.53 0.89 21.30
N ASP B 113 36.76 1.38 21.43
CA ASP B 113 36.97 2.82 21.27
C ASP B 113 36.80 3.26 19.81
N GLU B 114 37.28 2.46 18.86
CA GLU B 114 37.08 2.76 17.43
C GLU B 114 35.61 2.72 17.02
N ASP B 115 34.70 2.26 17.88
CA ASP B 115 33.39 1.80 17.44
C ASP B 115 32.32 2.87 17.66
N ASP B 116 31.78 3.37 16.56
CA ASP B 116 30.73 4.36 16.54
C ASP B 116 29.34 3.75 16.28
N THR B 117 29.17 2.43 16.41
CA THR B 117 27.93 1.80 15.97
C THR B 117 26.71 2.40 16.65
N TRP B 118 26.75 2.55 17.98
CA TRP B 118 25.57 2.99 18.70
C TRP B 118 25.23 4.43 18.36
N TYR B 119 26.24 5.32 18.29
CA TYR B 119 25.99 6.66 17.81
C TYR B 119 25.36 6.65 16.42
N ASN B 120 25.86 5.79 15.53
CA ASN B 120 25.35 5.75 14.17
C ASN B 120 23.89 5.25 14.14
N LEU B 121 23.50 4.44 15.09
CA LEU B 121 22.12 3.97 15.09
C LEU B 121 21.16 4.90 15.82
N THR B 122 21.65 5.83 16.64
CA THR B 122 20.81 6.66 17.50
C THR B 122 21.08 8.16 17.32
N GLU B 123 21.77 8.54 16.24
CA GLU B 123 22.21 9.92 16.01
C GLU B 123 21.06 10.91 16.21
N PHE B 124 19.88 10.57 15.71
CA PHE B 124 18.73 11.46 15.75
C PHE B 124 17.70 11.12 16.82
N VAL B 125 17.96 10.11 17.63
CA VAL B 125 16.99 9.64 18.62
C VAL B 125 17.19 10.42 19.91
N GLN B 126 16.12 11.05 20.40
N GLN B 126 16.13 11.09 20.37
CA GLN B 126 16.11 11.83 21.63
CA GLN B 126 16.12 11.83 21.64
C GLN B 126 15.03 11.33 22.58
C GLN B 126 15.05 11.28 22.58
N MET B 127 15.35 11.27 23.87
CA MET B 127 14.39 10.77 24.86
C MET B 127 13.07 11.53 24.80
N ASP B 128 13.11 12.84 24.62
CA ASP B 128 11.85 13.59 24.64
C ASP B 128 10.94 13.12 23.51
N LYS B 129 11.49 12.72 22.38
CA LYS B 129 10.63 12.25 21.31
C LYS B 129 10.15 10.82 21.56
N ILE B 130 11.01 9.98 22.14
CA ILE B 130 10.55 8.65 22.58
C ILE B 130 9.34 8.76 23.52
N ARG B 131 9.38 9.71 24.47
CA ARG B 131 8.32 9.79 25.46
C ARG B 131 7.00 10.28 24.86
N LYS B 132 7.02 10.83 23.65
CA LYS B 132 5.78 11.15 22.95
C LYS B 132 5.26 9.97 22.13
N ILE B 133 6.15 9.12 21.64
CA ILE B 133 5.69 7.90 20.98
C ILE B 133 5.18 6.91 22.01
N VAL B 134 5.86 6.81 23.16
CA VAL B 134 5.51 5.88 24.25
C VAL B 134 5.02 6.73 25.42
N ARG B 135 3.72 6.74 25.67
CA ARG B 135 3.09 7.72 26.58
C ARG B 135 2.91 7.10 27.97
N LYS B 136 3.79 7.49 28.91
CA LYS B 136 3.67 7.14 30.34
C LYS B 136 4.39 8.24 31.10
N ASP B 137 3.70 9.37 31.26
CA ASP B 137 4.37 10.62 31.61
C ASP B 137 4.96 10.62 33.01
N GLU B 138 4.52 9.74 33.90
CA GLU B 138 5.07 9.71 35.26
C GLU B 138 6.47 9.12 35.34
N ASN B 139 6.95 8.48 34.28
CA ASN B 139 8.32 7.99 34.23
C ASN B 139 9.15 8.76 33.22
N GLN B 140 10.46 8.89 33.50
CA GLN B 140 11.43 9.48 32.59
C GLN B 140 12.01 8.50 31.57
N PHE B 141 11.66 7.23 31.68
CA PHE B 141 12.12 6.15 30.82
C PHE B 141 10.88 5.53 30.24
N SER B 142 11.05 4.76 29.15
CA SER B 142 9.93 4.29 28.34
C SER B 142 9.99 2.79 28.14
N TYR B 143 8.89 2.09 28.51
CA TYR B 143 8.78 0.65 28.34
C TYR B 143 8.24 0.29 26.97
N VAL B 144 8.92 -0.64 26.29
CA VAL B 144 8.47 -1.19 25.01
C VAL B 144 8.58 -2.71 25.11
N ASP B 145 7.67 -3.43 24.44
CA ASP B 145 7.80 -4.88 24.34
C ASP B 145 7.38 -5.38 22.96
N SER B 146 7.48 -6.71 22.79
CA SER B 146 7.33 -7.34 21.50
C SER B 146 5.91 -7.23 20.97
N SER B 147 4.92 -7.09 21.84
CA SER B 147 3.51 -7.23 21.46
C SER B 147 2.79 -5.89 21.36
N MET B 148 3.37 -4.81 21.83
CA MET B 148 2.70 -3.52 21.74
C MET B 148 2.33 -3.20 20.30
N THR B 149 1.10 -2.76 20.10
CA THR B 149 0.63 -2.35 18.79
C THR B 149 0.78 -0.85 18.61
N THR B 150 0.76 -0.43 17.35
CA THR B 150 0.88 0.96 16.99
C THR B 150 -0.52 1.55 16.83
N VAL B 151 -0.60 2.87 16.98
CA VAL B 151 -1.86 3.57 16.73
C VAL B 151 -2.45 3.18 15.37
N GLN B 152 -1.62 3.13 14.33
CA GLN B 152 -2.13 2.75 13.01
C GLN B 152 -2.64 1.31 13.01
N GLU B 153 -1.93 0.42 13.69
CA GLU B 153 -2.39 -0.96 13.79
C GLU B 153 -3.74 -1.03 14.48
N ASN B 154 -3.95 -0.19 15.50
CA ASN B 154 -5.21 -0.22 16.26
C ASN B 154 -6.37 0.33 15.44
N GLU B 155 -6.11 1.26 14.52
CA GLU B 155 -7.15 1.80 13.65
C GLU B 155 -7.66 0.75 12.65
N LEU B 156 -6.85 -0.25 12.32
CA LEU B 156 -7.22 -1.27 11.33
C LEU B 156 -7.66 -2.56 12.02
N SER B 161 -5.76 -3.47 21.75
CA SER B 161 -6.62 -2.34 21.42
C SER B 161 -6.63 -1.32 22.56
N ASP B 162 -5.82 -1.57 23.59
CA ASP B 162 -5.72 -0.69 24.76
C ASP B 162 -4.87 0.53 24.42
N PRO B 163 -5.47 1.72 24.27
CA PRO B 163 -4.70 2.87 23.78
C PRO B 163 -3.57 3.32 24.68
N ALA B 164 -3.60 2.98 25.98
CA ALA B 164 -2.55 3.44 26.90
C ALA B 164 -1.24 2.70 26.67
N HIS B 165 -1.29 1.51 26.07
CA HIS B 165 -0.15 0.63 25.87
C HIS B 165 0.29 0.59 24.41
N SER B 166 0.18 1.70 23.70
CA SER B 166 0.37 1.74 22.26
C SER B 166 1.62 2.52 21.89
N LEU B 167 2.09 2.27 20.68
CA LEU B 167 3.19 3.02 20.10
C LEU B 167 2.60 4.08 19.17
N ASN B 168 2.70 5.34 19.59
N ASN B 168 2.72 5.34 19.59
CA ASN B 168 2.10 6.46 18.85
CA ASN B 168 2.14 6.47 18.88
C ASN B 168 3.07 6.99 17.79
C ASN B 168 3.08 6.99 17.79
N TYR B 169 3.46 6.09 16.90
CA TYR B 169 4.22 6.51 15.72
C TYR B 169 3.32 7.40 14.85
N THR B 170 3.96 8.22 14.05
CA THR B 170 3.25 9.07 13.10
C THR B 170 2.63 8.21 12.02
N VAL B 171 1.32 8.35 11.80
CA VAL B 171 0.63 7.50 10.84
C VAL B 171 0.97 7.91 9.42
N ILE B 172 1.45 6.95 8.63
CA ILE B 172 1.77 7.13 7.20
C ILE B 172 0.88 6.17 6.41
N ASN B 173 0.15 6.71 5.45
CA ASN B 173 -0.80 5.90 4.69
C ASN B 173 -0.89 6.49 3.29
N PHE B 174 -0.32 5.79 2.32
CA PHE B 174 -0.18 6.34 0.97
C PHE B 174 -1.50 6.51 0.24
N LYS B 175 -2.54 5.80 0.65
CA LYS B 175 -3.87 5.97 0.07
C LYS B 175 -4.81 6.56 1.10
N SER B 176 -4.51 7.78 1.51
CA SER B 176 -5.29 8.53 2.48
C SER B 176 -5.42 9.95 1.98
N ARG B 177 -6.45 10.66 2.45
CA ARG B 177 -6.58 12.05 2.06
C ARG B 177 -5.40 12.88 2.50
N GLU B 178 -4.76 12.54 3.64
CA GLU B 178 -3.59 13.30 4.03
C GLU B 178 -2.48 13.21 2.98
N ALA B 179 -2.35 12.08 2.32
CA ALA B 179 -1.26 11.85 1.37
C ALA B 179 -1.55 12.39 -0.03
N ILE B 180 -2.81 12.71 -0.33
CA ILE B 180 -3.26 12.95 -1.70
C ILE B 180 -4.05 14.24 -1.73
N ARG B 181 -3.52 15.25 -2.40
CA ARG B 181 -4.25 16.50 -2.57
C ARG B 181 -5.37 16.31 -3.58
N PRO B 182 -6.59 16.68 -3.26
CA PRO B 182 -7.66 16.67 -4.27
C PRO B 182 -7.18 17.40 -5.52
N GLY B 183 -7.42 16.80 -6.68
CA GLY B 183 -6.96 17.37 -7.92
C GLY B 183 -5.56 17.00 -8.32
N HIS B 184 -4.77 16.44 -7.41
CA HIS B 184 -3.42 15.98 -7.72
C HIS B 184 -3.29 14.49 -7.46
N GLU B 185 -4.35 13.72 -7.73
CA GLU B 185 -4.36 12.30 -7.42
C GLU B 185 -3.18 11.55 -8.03
N MET B 186 -3.03 11.59 -9.37
CA MET B 186 -1.96 10.80 -9.98
C MET B 186 -0.61 11.32 -9.54
N GLU B 187 -0.47 12.65 -9.58
CA GLU B 187 0.78 13.30 -9.22
C GLU B 187 1.24 12.87 -7.84
N ASP B 188 0.35 13.01 -6.86
CA ASP B 188 0.75 12.75 -5.48
C ASP B 188 0.91 11.27 -5.20
N PHE B 189 0.21 10.39 -5.93
CA PHE B 189 0.36 8.96 -5.67
C PHE B 189 1.64 8.43 -6.27
N LEU B 190 2.02 8.93 -7.43
CA LEU B 190 3.22 8.45 -8.09
C LEU B 190 4.47 9.16 -7.61
N ASP B 191 4.31 10.36 -7.04
CA ASP B 191 5.43 11.17 -6.53
C ASP B 191 5.03 11.67 -5.15
N LYS B 192 5.57 11.05 -4.12
CA LYS B 192 5.13 11.38 -2.78
C LYS B 192 5.80 12.65 -2.19
N SER B 193 6.42 13.50 -3.02
CA SER B 193 7.16 14.66 -2.50
C SER B 193 6.31 15.60 -1.68
N TYR B 194 5.04 15.84 -2.07
N TYR B 194 5.06 15.87 -2.13
N TYR B 194 5.06 15.85 -2.10
CA TYR B 194 4.25 16.77 -1.28
CA TYR B 194 4.12 16.67 -1.36
CA TYR B 194 4.19 16.73 -1.31
C TYR B 194 3.87 16.15 0.08
C TYR B 194 3.99 16.12 0.04
C TYR B 194 3.94 16.15 0.07
N TYR B 195 3.66 14.84 0.12
CA TYR B 195 3.38 14.19 1.40
C TYR B 195 4.64 14.22 2.28
N LEU B 196 5.81 13.94 1.70
CA LEU B 196 7.06 13.97 2.46
C LEU B 196 7.39 15.37 2.95
N ASN B 197 7.44 16.33 2.02
CA ASN B 197 8.03 17.63 2.34
C ASN B 197 7.05 18.59 3.01
N THR B 198 5.80 18.65 2.54
CA THR B 198 4.84 19.57 3.12
C THR B 198 4.11 18.99 4.31
N VAL B 199 3.49 17.80 4.16
CA VAL B 199 2.67 17.24 5.23
C VAL B 199 3.57 16.78 6.37
N MET B 200 4.58 15.98 6.04
CA MET B 200 5.35 15.30 7.08
C MET B 200 6.49 16.17 7.61
N LEU B 201 7.41 16.61 6.75
CA LEU B 201 8.58 17.36 7.23
C LEU B 201 8.20 18.76 7.72
N GLN B 202 7.60 19.58 6.85
N GLN B 202 7.58 19.57 6.87
CA GLN B 202 7.21 20.93 7.26
CA GLN B 202 7.23 20.94 7.29
C GLN B 202 6.12 20.91 8.32
C GLN B 202 6.11 20.93 8.31
N GLY B 203 5.10 20.08 8.12
CA GLY B 203 3.93 20.06 8.96
C GLY B 203 4.04 19.35 10.29
N ILE B 204 4.38 18.07 10.28
CA ILE B 204 4.28 17.23 11.47
C ILE B 204 5.60 17.12 12.21
N PHE B 205 6.69 16.76 11.51
CA PHE B 205 7.97 16.53 12.18
C PHE B 205 8.74 17.82 12.42
N LYS B 206 8.49 18.84 11.59
CA LYS B 206 9.13 20.15 11.66
C LYS B 206 10.52 20.15 11.01
N ASN B 207 11.25 19.05 11.06
CA ASN B 207 12.56 18.99 10.42
C ASN B 207 12.94 17.52 10.19
N SER B 208 13.97 17.33 9.35
CA SER B 208 14.38 15.98 9.00
C SER B 208 15.01 15.25 10.18
N SER B 209 15.60 15.98 11.14
CA SER B 209 16.19 15.28 12.29
C SER B 209 15.13 14.52 13.09
N ASN B 210 13.96 15.15 13.33
CA ASN B 210 12.91 14.44 14.05
C ASN B 210 12.37 13.25 13.23
N TYR B 211 12.27 13.42 11.91
CA TYR B 211 11.81 12.32 11.06
C TYR B 211 12.78 11.14 11.16
N PHE B 212 14.07 11.44 11.04
CA PHE B 212 15.07 10.37 11.15
C PHE B 212 15.10 9.75 12.54
N GLY B 213 14.87 10.55 13.59
CA GLY B 213 14.83 9.99 14.93
C GLY B 213 13.75 8.94 15.07
N GLU B 214 12.55 9.23 14.55
CA GLU B 214 11.47 8.26 14.66
C GLU B 214 11.75 7.02 13.83
N LEU B 215 12.29 7.21 12.62
CA LEU B 215 12.72 6.09 11.78
C LEU B 215 13.72 5.22 12.52
N GLN B 216 14.74 5.84 13.12
CA GLN B 216 15.75 5.07 13.84
C GLN B 216 15.17 4.34 15.05
N PHE B 217 14.27 4.99 15.81
CA PHE B 217 13.61 4.36 16.95
C PHE B 217 12.77 3.20 16.51
N ALA B 218 12.06 3.36 15.39
CA ALA B 218 11.24 2.25 14.87
C ALA B 218 12.09 1.04 14.54
N PHE B 219 13.20 1.24 13.84
CA PHE B 219 14.13 0.15 13.53
C PHE B 219 14.60 -0.56 14.79
N LEU B 220 15.04 0.23 15.78
CA LEU B 220 15.60 -0.37 16.99
C LEU B 220 14.55 -1.17 17.76
N ASN B 221 13.30 -0.70 17.79
CA ASN B 221 12.25 -1.49 18.43
CA ASN B 221 12.23 -1.48 18.42
C ASN B 221 11.94 -2.75 17.64
N ALA B 222 11.99 -2.67 16.30
CA ALA B 222 11.81 -3.86 15.47
C ALA B 222 12.91 -4.87 15.76
N MET B 223 14.15 -4.39 15.80
CA MET B 223 15.29 -5.30 15.98
C MET B 223 15.34 -5.87 17.39
N PHE B 224 15.27 -5.02 18.41
CA PHE B 224 15.49 -5.50 19.77
C PHE B 224 14.29 -6.23 20.36
N PHE B 225 13.07 -5.90 19.97
CA PHE B 225 11.89 -6.58 20.53
C PHE B 225 11.14 -7.45 19.53
N GLY B 226 11.55 -7.47 18.27
CA GLY B 226 10.74 -8.13 17.26
C GLY B 226 9.36 -7.52 17.17
N ASN B 227 9.27 -6.20 17.35
CA ASN B 227 7.98 -5.52 17.35
C ASN B 227 7.54 -5.29 15.91
N TYR B 228 6.45 -5.96 15.52
CA TYR B 228 6.10 -5.99 14.12
C TYR B 228 5.63 -4.63 13.62
N GLY B 229 4.83 -3.91 14.41
CA GLY B 229 4.37 -2.59 13.97
C GLY B 229 5.50 -1.59 13.83
N SER B 230 6.53 -1.76 14.64
CA SER B 230 7.71 -0.93 14.50
C SER B 230 8.43 -1.21 13.18
N SER B 231 8.51 -2.47 12.77
CA SER B 231 9.06 -2.79 11.46
C SER B 231 8.25 -2.16 10.34
N LEU B 232 6.91 -2.24 10.44
CA LEU B 232 6.07 -1.58 9.44
C LEU B 232 6.37 -0.10 9.35
N GLN B 233 6.53 0.55 10.50
CA GLN B 233 6.77 2.00 10.49
C GLN B 233 8.12 2.33 9.88
N TRP B 234 9.14 1.58 10.22
CA TRP B 234 10.48 1.80 9.66
C TRP B 234 10.43 1.72 8.13
N HIS B 235 9.83 0.65 7.60
CA HIS B 235 9.74 0.53 6.15
C HIS B 235 8.90 1.64 5.52
N ALA B 236 7.78 2.03 6.14
CA ALA B 236 6.97 3.11 5.57
C ALA B 236 7.75 4.40 5.49
N MET B 237 8.56 4.69 6.50
CA MET B 237 9.33 5.94 6.49
C MET B 237 10.43 5.93 5.45
N ILE B 238 11.07 4.79 5.23
CA ILE B 238 11.98 4.62 4.12
C ILE B 238 11.25 4.80 2.80
N GLU B 239 10.14 4.09 2.63
CA GLU B 239 9.44 4.12 1.35
C GLU B 239 8.98 5.52 1.01
N LEU B 240 8.52 6.30 1.99
CA LEU B 240 8.04 7.65 1.72
C LEU B 240 9.16 8.52 1.13
N ILE B 241 10.38 8.43 1.69
CA ILE B 241 11.49 9.18 1.10
C ILE B 241 11.83 8.68 -0.28
N CYS B 242 11.99 7.37 -0.44
CA CYS B 242 12.48 6.82 -1.70
C CYS B 242 11.50 7.05 -2.84
N SER B 243 10.20 7.07 -2.54
CA SER B 243 9.12 7.31 -3.49
C SER B 243 8.85 8.79 -3.73
N SER B 244 9.71 9.66 -3.24
CA SER B 244 9.62 11.10 -3.51
C SER B 244 10.68 11.52 -4.51
N ALA B 245 10.27 12.24 -5.56
CA ALA B 245 11.21 12.71 -6.57
C ALA B 245 12.05 13.87 -6.07
N THR B 246 11.56 14.62 -5.09
CA THR B 246 12.21 15.83 -4.64
C THR B 246 12.50 15.66 -3.16
N VAL B 247 13.77 15.44 -2.83
CA VAL B 247 14.23 15.24 -1.46
C VAL B 247 15.51 16.05 -1.34
N PRO B 248 15.64 16.90 -0.33
CA PRO B 248 16.92 17.62 -0.14
C PRO B 248 18.11 16.67 -0.18
N LYS B 249 19.19 17.12 -0.84
CA LYS B 249 20.33 16.24 -1.08
C LYS B 249 20.95 15.79 0.24
N HIS B 250 20.96 16.68 1.23
CA HIS B 250 21.53 16.32 2.53
C HIS B 250 20.72 15.21 3.19
N MET B 251 19.43 15.16 2.92
CA MET B 251 18.59 14.11 3.51
C MET B 251 18.90 12.75 2.89
N LEU B 252 19.07 12.69 1.58
CA LEU B 252 19.39 11.42 0.93
C LEU B 252 20.74 10.90 1.40
N ASP B 253 21.73 11.79 1.51
CA ASP B 253 23.04 11.36 1.96
C ASP B 253 22.98 10.82 3.38
N LYS B 254 22.21 11.51 4.23
CA LYS B 254 22.09 11.04 5.61
C LYS B 254 21.29 9.74 5.68
N LEU B 255 20.21 9.62 4.89
CA LEU B 255 19.48 8.35 4.88
C LEU B 255 20.39 7.18 4.50
N ASP B 256 21.25 7.36 3.51
CA ASP B 256 22.15 6.28 3.12
C ASP B 256 23.01 5.85 4.30
N GLU B 257 23.52 6.82 5.08
CA GLU B 257 24.32 6.47 6.25
C GLU B 257 23.49 5.74 7.29
N ILE B 258 22.28 6.24 7.55
CA ILE B 258 21.41 5.64 8.56
C ILE B 258 21.11 4.19 8.20
N LEU B 259 20.66 3.96 6.97
CA LEU B 259 20.28 2.62 6.55
C LEU B 259 21.48 1.68 6.50
N TYR B 260 22.65 2.18 6.08
CA TYR B 260 23.83 1.34 6.01
C TYR B 260 24.15 0.74 7.37
N TYR B 261 24.11 1.55 8.43
CA TYR B 261 24.45 1.03 9.75
C TYR B 261 23.35 0.15 10.31
N GLN B 262 22.10 0.40 9.93
CA GLN B 262 21.03 -0.48 10.35
C GLN B 262 21.20 -1.87 9.72
N ILE B 263 21.47 -1.90 8.42
CA ILE B 263 21.64 -3.17 7.73
C ILE B 263 22.90 -3.87 8.23
N LYS B 264 23.94 -3.11 8.56
CA LYS B 264 25.18 -3.70 9.08
C LYS B 264 24.94 -4.38 10.43
N THR B 265 24.08 -3.80 11.26
CA THR B 265 23.88 -4.27 12.62
C THR B 265 22.87 -5.40 12.68
N LEU B 266 21.98 -5.50 11.70
CA LEU B 266 20.89 -6.48 11.77
C LEU B 266 21.48 -7.88 11.88
N PRO B 267 21.00 -8.72 12.80
CA PRO B 267 21.46 -10.12 12.80
C PRO B 267 21.17 -10.77 11.46
N GLU B 268 22.18 -11.49 10.95
CA GLU B 268 22.06 -12.12 9.65
C GLU B 268 20.87 -13.07 9.61
N GLN B 269 20.60 -13.75 10.71
CA GLN B 269 19.59 -14.79 10.77
C GLN B 269 18.19 -14.23 11.04
N TYR B 270 18.04 -12.92 11.23
CA TYR B 270 16.73 -12.29 11.34
C TYR B 270 16.30 -11.58 10.07
N SER B 271 17.04 -11.72 8.97
CA SER B 271 16.74 -10.93 7.78
C SER B 271 15.40 -11.34 7.16
N ASP B 272 15.03 -12.61 7.27
CA ASP B 272 13.76 -13.06 6.69
C ASP B 272 12.57 -12.36 7.31
N ILE B 273 12.63 -12.05 8.60
CA ILE B 273 11.50 -11.45 9.30
C ILE B 273 11.61 -9.93 9.49
N LEU B 274 12.81 -9.35 9.40
CA LEU B 274 12.99 -7.93 9.64
C LEU B 274 13.08 -7.10 8.38
N LEU B 275 13.19 -7.71 7.20
CA LEU B 275 13.33 -6.99 5.94
C LEU B 275 12.20 -7.33 4.98
N ASN B 276 11.53 -6.29 4.49
CA ASN B 276 10.42 -6.42 3.55
C ASN B 276 10.96 -6.40 2.13
N GLU B 277 10.89 -7.53 1.44
CA GLU B 277 11.41 -7.63 0.08
C GLU B 277 10.84 -6.55 -0.83
N ARG B 278 9.52 -6.36 -0.82
CA ARG B 278 8.92 -5.39 -1.75
C ARG B 278 9.51 -4.00 -1.54
N VAL B 279 9.55 -3.55 -0.29
CA VAL B 279 10.00 -2.20 -0.04
C VAL B 279 11.45 -2.04 -0.48
N TRP B 280 12.29 -3.01 -0.17
CA TRP B 280 13.72 -2.83 -0.44
C TRP B 280 14.01 -2.93 -1.93
N ASN B 281 13.39 -3.88 -2.62
CA ASN B 281 13.60 -3.94 -4.07
C ASN B 281 13.10 -2.68 -4.73
N ILE B 282 11.94 -2.19 -4.31
CA ILE B 282 11.44 -0.94 -4.87
C ILE B 282 12.39 0.21 -4.56
N CYS B 283 12.83 0.32 -3.30
CA CYS B 283 13.63 1.49 -2.93
C CYS B 283 14.99 1.48 -3.63
N LEU B 284 15.63 0.32 -3.72
CA LEU B 284 16.98 0.25 -4.27
C LEU B 284 17.00 0.22 -5.79
N TYR B 285 15.97 -0.35 -6.44
CA TYR B 285 16.05 -0.61 -7.87
C TYR B 285 15.01 0.08 -8.73
N SER B 286 13.86 0.46 -8.20
CA SER B 286 12.80 1.09 -8.98
C SER B 286 12.51 2.54 -8.63
N SER B 287 12.83 2.99 -7.43
CA SER B 287 12.30 4.27 -6.94
C SER B 287 13.07 5.45 -7.54
N PHE B 288 12.50 6.64 -7.31
CA PHE B 288 13.17 7.87 -7.70
C PHE B 288 14.59 7.91 -7.16
N GLN B 289 14.79 7.31 -5.99
CA GLN B 289 16.08 7.43 -5.31
C GLN B 289 16.93 6.17 -5.46
N LYS B 290 16.65 5.35 -6.47
CA LYS B 290 17.36 4.09 -6.68
C LYS B 290 18.87 4.28 -6.84
N ASN B 291 19.33 5.48 -7.18
CA ASN B 291 20.75 5.75 -7.38
C ASN B 291 21.33 6.60 -6.28
N SER B 292 20.55 6.89 -5.24
CA SER B 292 20.98 7.78 -4.16
C SER B 292 21.40 7.05 -2.90
N LEU B 293 21.35 5.72 -2.92
CA LEU B 293 21.63 4.96 -1.69
C LEU B 293 22.79 4.00 -1.93
N HIS B 294 23.91 4.55 -2.39
CA HIS B 294 25.01 3.70 -2.85
C HIS B 294 25.56 2.81 -1.75
N ASN B 295 25.78 3.37 -0.55
CA ASN B 295 26.36 2.55 0.51
C ASN B 295 25.38 1.47 0.97
N THR B 296 24.11 1.82 1.09
CA THR B 296 23.09 0.87 1.51
C THR B 296 22.91 -0.21 0.45
N GLU B 297 22.88 0.17 -0.82
CA GLU B 297 22.77 -0.83 -1.88
C GLU B 297 23.95 -1.80 -1.86
N LYS B 298 25.17 -1.30 -1.63
CA LYS B 298 26.33 -2.18 -1.60
C LYS B 298 26.27 -3.16 -0.43
N ILE B 299 25.93 -2.70 0.78
CA ILE B 299 25.89 -3.65 1.88
C ILE B 299 24.72 -4.63 1.71
N MET B 300 23.55 -4.16 1.26
CA MET B 300 22.44 -5.09 1.02
C MET B 300 22.81 -6.18 0.02
N GLU B 301 23.47 -5.81 -1.08
CA GLU B 301 23.79 -6.77 -2.13
C GLU B 301 24.85 -7.77 -1.67
N ASN B 302 25.75 -7.36 -0.78
CA ASN B 302 26.80 -8.28 -0.34
C ASN B 302 26.38 -9.13 0.84
N LYS B 303 25.45 -8.64 1.66
CA LYS B 303 25.05 -9.33 2.88
C LYS B 303 23.75 -10.09 2.71
N TYR B 304 22.81 -9.59 1.91
CA TYR B 304 21.50 -10.21 1.75
C TYR B 304 21.11 -10.30 0.27
N PRO B 305 21.98 -10.84 -0.58
CA PRO B 305 21.66 -10.87 -2.01
C PRO B 305 20.44 -11.70 -2.33
N GLU B 306 19.99 -12.55 -1.40
CA GLU B 306 18.81 -13.38 -1.63
C GLU B 306 17.54 -12.53 -1.61
N LEU B 307 17.45 -11.60 -0.67
CA LEU B 307 16.30 -10.71 -0.62
C LEU B 307 16.08 -9.98 -1.94
N LEU B 308 17.10 -9.91 -2.79
CA LEU B 308 16.99 -9.17 -4.02
C LEU B 308 17.24 -10.07 -5.23
N1 VPE C . -25.55 11.96 -14.51
C7 VPE C . -20.23 14.71 -17.35
C8 VPE C . -19.03 14.75 -18.34
O1 VPE C . -18.40 13.70 -18.50
C1 VPE C . -19.82 13.74 -16.27
C5 VPE C . -26.53 11.18 -15.12
C6 VPE C . -26.25 10.72 -16.36
C4 VPE C . -24.50 12.06 -15.33
C3 VPE C . -22.22 12.87 -15.93
C2 VPE C . -20.96 13.43 -15.29
O2 VPE C . -18.80 15.84 -18.89
C VPE C . -18.64 14.35 -15.50
O VPE C . -22.27 12.55 -17.09
N VPE C . -23.35 12.76 -15.06
S VPE C . -24.69 11.22 -16.87
#